data_4F3V
#
_entry.id   4F3V
#
_cell.length_a   73.230
_cell.length_b   92.510
_cell.length_c   105.710
_cell.angle_alpha   90.000
_cell.angle_beta   90.000
_cell.angle_gamma   90.000
#
_symmetry.space_group_name_H-M   'P 21 21 21'
#
loop_
_entity.id
_entity.type
_entity.pdbx_description
1 polymer 'ESX-1 secretion system protein EccA1'
2 non-polymer 'SAMARIUM (III) ION'
3 non-polymer 'SULFATE ION'
4 water water
#
_entity_poly.entity_id   1
_entity_poly.type   'polypeptide(L)'
_entity_poly.pdbx_seq_one_letter_code
;GHMTDRLASLFESAVSMLPMSEARSLDLFTEITNYDESACDAWIGRIRCGDTDRVTLFRAWYSRRNFGQLSGSVQISMST
LNARIAIGGLYGDITYPVTSPLAITMGFAACEAAQGNYADAMEALEAAPVAGSEHLVAWMKAVVYGAAERWTDVIDQVKS
AGKWPDKFLAGAAGVAHGVAAANLALFTEAERRLTEANDSPAGEACARAIAWYLAMARRSQGNESAAVALLEWLQTTHPE
PKVAAALKDPSYRLKTTTAEQIASRADPWDPGSVVTDNSGRE
;
_entity_poly.pdbx_strand_id   A,B
#
# COMPACT_ATOMS: atom_id res chain seq x y z
N GLY A 1 20.47 -11.29 -4.53
CA GLY A 1 21.92 -11.68 -4.60
C GLY A 1 22.54 -11.17 -5.89
N HIS A 2 23.04 -12.08 -6.72
CA HIS A 2 23.46 -11.75 -8.07
C HIS A 2 22.32 -11.15 -8.85
N MET A 3 21.13 -11.78 -8.76
CA MET A 3 19.96 -11.31 -9.51
C MET A 3 19.49 -9.93 -9.04
N THR A 4 19.52 -9.68 -7.74
CA THR A 4 19.17 -8.37 -7.18
C THR A 4 20.03 -7.26 -7.78
N ASP A 5 21.33 -7.49 -7.79
CA ASP A 5 22.27 -6.56 -8.39
C ASP A 5 21.95 -6.36 -9.86
N ARG A 6 21.68 -7.44 -10.58
CA ARG A 6 21.35 -7.34 -11.99
C ARG A 6 20.11 -6.47 -12.26
N LEU A 7 19.04 -6.71 -11.51
CA LEU A 7 17.78 -5.97 -11.68
C LEU A 7 17.93 -4.50 -11.32
N ALA A 8 18.69 -4.23 -10.26
CA ALA A 8 19.05 -2.86 -9.88
C ALA A 8 19.68 -2.10 -11.05
N SER A 9 20.71 -2.71 -11.61
CA SER A 9 21.46 -2.07 -12.64
C SER A 9 20.57 -1.91 -13.93
N LEU A 10 19.70 -2.89 -14.23
CA LEU A 10 18.75 -2.76 -15.34
C LEU A 10 17.77 -1.60 -15.11
N PHE A 11 17.31 -1.45 -13.87
CA PHE A 11 16.40 -0.37 -13.54
C PHE A 11 17.05 1.01 -13.69
N GLU A 12 18.23 1.16 -13.12
CA GLU A 12 18.99 2.37 -13.23
C GLU A 12 19.23 2.73 -14.72
N SER A 13 19.62 1.74 -15.51
CA SER A 13 19.85 1.96 -16.92
C SER A 13 18.55 2.37 -17.59
N ALA A 14 17.45 1.70 -17.25
CA ALA A 14 16.17 2.01 -17.89
C ALA A 14 15.80 3.48 -17.64
N VAL A 15 15.97 3.95 -16.42
CA VAL A 15 15.62 5.32 -16.12
C VAL A 15 16.53 6.29 -16.85
N SER A 16 17.81 6.00 -16.92
CA SER A 16 18.76 6.87 -17.64
C SER A 16 18.44 6.94 -19.13
N MET A 17 17.89 5.86 -19.66
CA MET A 17 17.62 5.75 -21.09
C MET A 17 16.32 6.48 -21.48
N LEU A 18 15.50 6.88 -20.48
CA LEU A 18 14.17 7.45 -20.77
C LEU A 18 14.18 8.67 -21.69
N PRO A 19 15.07 9.65 -21.44
CA PRO A 19 15.13 10.76 -22.39
C PRO A 19 15.65 10.39 -23.79
N MET A 20 16.40 9.28 -23.92
CA MET A 20 17.02 8.87 -25.20
C MET A 20 16.05 8.01 -26.01
N SER A 21 15.45 7.02 -25.36
CA SER A 21 14.63 6.05 -26.07
C SER A 21 13.72 5.29 -25.13
N GLU A 22 12.44 5.63 -25.14
CA GLU A 22 11.43 4.92 -24.39
C GLU A 22 11.36 3.46 -24.79
N ALA A 23 11.58 3.17 -26.06
CA ALA A 23 11.59 1.79 -26.56
C ALA A 23 12.67 0.93 -25.88
N ARG A 24 13.88 1.47 -25.76
CA ARG A 24 14.96 0.76 -25.07
C ARG A 24 14.70 0.64 -23.56
N SER A 25 14.18 1.70 -22.94
CA SER A 25 13.82 1.66 -21.53
C SER A 25 12.78 0.57 -21.31
N LEU A 26 11.80 0.49 -22.19
CA LEU A 26 10.74 -0.55 -22.09
C LEU A 26 11.35 -1.95 -22.11
N ASP A 27 12.34 -2.17 -22.99
CA ASP A 27 12.98 -3.49 -23.09
C ASP A 27 13.58 -3.82 -21.73
N LEU A 28 14.18 -2.82 -21.07
CA LEU A 28 14.86 -3.06 -19.81
C LEU A 28 13.88 -3.25 -18.67
N PHE A 29 12.85 -2.40 -18.56
CA PHE A 29 11.82 -2.60 -17.55
C PHE A 29 11.14 -3.97 -17.75
N THR A 30 10.96 -4.38 -18.99
CA THR A 30 10.33 -5.66 -19.29
C THR A 30 11.24 -6.83 -18.91
N GLU A 31 12.53 -6.68 -19.13
CA GLU A 31 13.49 -7.67 -18.69
C GLU A 31 13.38 -7.85 -17.16
N ILE A 32 13.22 -6.77 -16.41
CA ILE A 32 13.05 -6.87 -14.94
C ILE A 32 11.80 -7.66 -14.57
N THR A 33 10.65 -7.28 -15.16
CA THR A 33 9.38 -7.95 -14.82
C THR A 33 9.37 -9.40 -15.27
N ASN A 34 10.07 -9.73 -16.36
CA ASN A 34 10.27 -11.12 -16.75
C ASN A 34 10.96 -11.97 -15.71
N TYR A 35 11.87 -11.38 -14.95
CA TYR A 35 12.60 -12.09 -13.88
C TYR A 35 11.95 -11.94 -12.52
N ASP A 36 11.19 -10.86 -12.31
CA ASP A 36 10.53 -10.63 -11.04
C ASP A 36 9.19 -9.98 -11.29
N GLU A 37 8.15 -10.82 -11.32
CA GLU A 37 6.81 -10.33 -11.55
C GLU A 37 6.29 -9.40 -10.46
N SER A 38 6.96 -9.39 -9.31
CA SER A 38 6.58 -8.53 -8.18
C SER A 38 7.26 -7.17 -8.15
N ALA A 39 8.06 -6.85 -9.18
CA ALA A 39 8.83 -5.61 -9.22
C ALA A 39 7.92 -4.46 -9.64
N CYS A 40 7.13 -4.00 -8.70
CA CYS A 40 6.21 -2.88 -8.87
C CYS A 40 6.81 -1.70 -9.64
N ASP A 41 7.98 -1.24 -9.22
CA ASP A 41 8.63 -0.07 -9.87
C ASP A 41 8.89 -0.26 -11.37
N ALA A 42 9.20 -1.49 -11.78
CA ALA A 42 9.40 -1.79 -13.19
C ALA A 42 8.08 -1.85 -13.99
N TRP A 43 7.00 -2.33 -13.38
CA TRP A 43 5.69 -2.23 -14.00
C TRP A 43 5.30 -0.79 -14.22
N ILE A 44 5.59 0.08 -13.26
CA ILE A 44 5.35 1.51 -13.42
C ILE A 44 6.26 2.12 -14.52
N GLY A 45 7.51 1.68 -14.56
CA GLY A 45 8.42 2.07 -15.65
C GLY A 45 7.84 1.73 -17.01
N ARG A 46 7.24 0.55 -17.13
CA ARG A 46 6.62 0.14 -18.40
C ARG A 46 5.48 1.08 -18.79
N ILE A 47 4.66 1.45 -17.79
CA ILE A 47 3.58 2.43 -17.98
C ILE A 47 4.16 3.75 -18.50
N ARG A 48 5.24 4.21 -17.86
CA ARG A 48 5.90 5.42 -18.30
C ARG A 48 6.33 5.34 -19.79
N CYS A 49 6.70 4.15 -20.25
CA CYS A 49 7.17 3.97 -21.63
C CYS A 49 6.04 3.74 -22.62
N GLY A 50 4.79 3.90 -22.18
CA GLY A 50 3.64 3.81 -23.07
C GLY A 50 2.98 2.44 -23.08
N ASP A 51 3.35 1.58 -22.14
CA ASP A 51 2.68 0.30 -22.00
C ASP A 51 1.50 0.47 -21.04
N THR A 52 0.31 0.69 -21.56
CA THR A 52 -0.90 0.73 -20.71
C THR A 52 -1.83 -0.49 -20.94
N ASP A 53 -1.26 -1.62 -21.34
CA ASP A 53 -1.92 -2.93 -21.25
C ASP A 53 -2.58 -3.03 -19.85
N ARG A 54 -3.83 -3.46 -19.80
CA ARG A 54 -4.54 -3.64 -18.54
C ARG A 54 -3.75 -4.56 -17.57
N VAL A 55 -3.03 -5.56 -18.09
CA VAL A 55 -2.27 -6.47 -17.22
C VAL A 55 -1.10 -5.74 -16.49
N THR A 56 -0.46 -4.82 -17.19
CA THR A 56 0.61 -4.03 -16.61
C THR A 56 0.14 -3.18 -15.41
N LEU A 57 -0.98 -2.50 -15.55
CA LEU A 57 -1.58 -1.75 -14.44
C LEU A 57 -2.04 -2.72 -13.31
N PHE A 58 -2.59 -3.87 -13.69
CA PHE A 58 -2.99 -4.85 -12.68
C PHE A 58 -1.79 -5.29 -11.85
N ARG A 59 -0.66 -5.53 -12.52
CA ARG A 59 0.51 -6.03 -11.85
C ARG A 59 1.10 -4.99 -10.94
N ALA A 60 1.04 -3.71 -11.36
CA ALA A 60 1.55 -2.64 -10.53
C ALA A 60 0.71 -2.59 -9.25
N TRP A 61 -0.59 -2.73 -9.39
CA TRP A 61 -1.49 -2.76 -8.25
C TRP A 61 -1.28 -3.96 -7.35
N TYR A 62 -1.19 -5.13 -7.95
CA TYR A 62 -1.02 -6.38 -7.21
C TYR A 62 0.28 -6.40 -6.39
N SER A 63 1.34 -5.79 -6.93
CA SER A 63 2.63 -5.70 -6.26
C SER A 63 2.87 -4.37 -5.51
N ARG A 64 1.80 -3.65 -5.22
CA ARG A 64 1.89 -2.32 -4.62
C ARG A 64 2.69 -2.25 -3.29
N ARG A 65 2.76 -3.33 -2.53
CA ARG A 65 3.59 -3.33 -1.33
C ARG A 65 5.08 -3.21 -1.61
N ASN A 66 5.46 -3.40 -2.87
CA ASN A 66 6.86 -3.27 -3.26
C ASN A 66 7.17 -1.93 -3.90
N PHE A 67 6.21 -0.99 -3.88
CA PHE A 67 6.44 0.32 -4.46
C PHE A 67 7.63 0.98 -3.80
N GLY A 68 8.61 1.38 -4.61
CA GLY A 68 9.79 2.10 -4.11
C GLY A 68 10.99 1.23 -3.84
N GLN A 69 10.79 -0.09 -3.76
CA GLN A 69 11.85 -1.01 -3.34
C GLN A 69 12.98 -1.10 -4.37
N LEU A 70 12.63 -1.32 -5.63
CA LEU A 70 13.63 -1.48 -6.70
C LEU A 70 14.31 -0.16 -7.04
N SER A 71 13.53 0.90 -7.29
CA SER A 71 14.08 2.20 -7.55
C SER A 71 14.95 2.63 -6.36
N GLY A 72 14.46 2.37 -5.14
CA GLY A 72 15.21 2.69 -3.93
C GLY A 72 16.57 2.02 -3.81
N SER A 73 16.70 0.81 -4.36
CA SER A 73 17.96 0.09 -4.30
C SER A 73 19.05 0.77 -5.17
N VAL A 74 18.64 1.68 -6.06
CA VAL A 74 19.59 2.49 -6.82
C VAL A 74 19.39 3.98 -6.57
N GLN A 75 18.80 4.29 -5.42
CA GLN A 75 18.62 5.67 -4.94
C GLN A 75 17.84 6.57 -5.88
N ILE A 76 16.83 6.02 -6.57
CA ILE A 76 16.00 6.83 -7.47
C ILE A 76 14.63 6.99 -6.86
N SER A 77 14.14 8.22 -6.78
CA SER A 77 12.75 8.45 -6.40
C SER A 77 11.82 8.10 -7.58
N MET A 78 10.72 7.40 -7.31
CA MET A 78 9.78 7.05 -8.38
C MET A 78 9.18 8.28 -9.06
N SER A 79 9.13 9.41 -8.34
CA SER A 79 8.63 10.66 -8.92
C SER A 79 9.46 11.13 -10.07
N THR A 80 10.73 10.75 -10.06
CA THR A 80 11.69 11.15 -11.09
C THR A 80 11.36 10.49 -12.44
N LEU A 81 10.70 9.33 -12.42
CA LEU A 81 10.24 8.72 -13.68
C LEU A 81 9.17 9.55 -14.40
N ASN A 82 8.45 10.39 -13.64
CA ASN A 82 7.34 11.20 -14.16
C ASN A 82 6.27 10.34 -14.86
N ALA A 83 5.95 9.19 -14.28
CA ALA A 83 4.86 8.34 -14.78
C ALA A 83 3.52 9.00 -14.40
N ARG A 84 2.53 8.88 -15.28
CA ARG A 84 1.19 9.41 -15.04
C ARG A 84 0.18 8.35 -15.44
N ILE A 85 -0.97 8.30 -14.78
CA ILE A 85 -2.04 7.37 -15.14
C ILE A 85 -3.38 8.11 -15.38
N ALA A 86 -4.27 7.51 -16.14
CA ALA A 86 -5.57 8.08 -16.49
C ALA A 86 -6.60 7.93 -15.37
N ILE A 87 -7.27 9.01 -14.98
CA ILE A 87 -8.28 8.98 -13.90
C ILE A 87 -9.60 9.70 -14.25
N GLY A 88 -9.74 10.17 -15.49
CA GLY A 88 -10.91 10.97 -15.89
C GLY A 88 -12.18 10.21 -16.19
N GLY A 89 -12.05 8.92 -16.46
CA GLY A 89 -13.20 8.13 -16.88
C GLY A 89 -13.94 8.74 -18.07
N LEU A 90 -15.26 8.62 -18.08
CA LEU A 90 -16.06 9.17 -19.16
C LEU A 90 -16.15 10.70 -19.15
N TYR A 91 -15.69 11.34 -18.06
CA TYR A 91 -15.94 12.77 -17.84
C TYR A 91 -14.94 13.66 -18.59
N GLY A 92 -13.71 13.20 -18.73
CA GLY A 92 -12.68 14.02 -19.32
C GLY A 92 -11.37 13.29 -19.40
N ASP A 93 -10.39 13.97 -19.99
CA ASP A 93 -9.02 13.47 -20.12
C ASP A 93 -8.23 14.06 -18.95
N ILE A 94 -8.10 13.28 -17.90
CA ILE A 94 -7.44 13.73 -16.68
C ILE A 94 -6.41 12.67 -16.29
N THR A 95 -5.17 13.12 -16.08
CA THR A 95 -4.13 12.19 -15.61
C THR A 95 -3.66 12.62 -14.23
N TYR A 96 -2.95 11.71 -13.55
CA TYR A 96 -2.49 11.92 -12.19
C TYR A 96 -1.07 11.34 -12.09
N PRO A 97 -0.13 12.06 -11.45
CA PRO A 97 1.25 11.55 -11.36
C PRO A 97 1.41 10.38 -10.38
N VAL A 98 2.20 9.38 -10.76
CA VAL A 98 2.39 8.20 -9.94
C VAL A 98 3.57 8.55 -9.04
N THR A 99 3.27 9.05 -7.83
CA THR A 99 4.31 9.33 -6.84
C THR A 99 4.15 8.56 -5.53
N SER A 100 3.13 7.73 -5.46
CA SER A 100 2.84 6.93 -4.27
C SER A 100 1.84 5.84 -4.68
N PRO A 101 1.61 4.85 -3.80
CA PRO A 101 0.63 3.81 -4.13
C PRO A 101 -0.80 4.31 -4.36
N LEU A 102 -1.15 5.46 -3.80
CA LEU A 102 -2.45 6.06 -4.07
C LEU A 102 -2.71 6.18 -5.57
N ALA A 103 -1.73 6.71 -6.31
CA ALA A 103 -1.88 6.86 -7.77
C ALA A 103 -2.16 5.54 -8.47
N ILE A 104 -1.48 4.48 -8.01
CA ILE A 104 -1.65 3.17 -8.63
C ILE A 104 -3.08 2.68 -8.39
N THR A 105 -3.57 2.91 -7.16
CA THR A 105 -4.95 2.54 -6.78
C THR A 105 -5.96 3.22 -7.70
N MET A 106 -5.76 4.50 -7.90
CA MET A 106 -6.67 5.30 -8.72
C MET A 106 -6.64 4.86 -10.18
N GLY A 107 -5.45 4.71 -10.73
CA GLY A 107 -5.29 4.21 -12.07
C GLY A 107 -5.90 2.83 -12.27
N PHE A 108 -5.67 1.93 -11.33
CA PHE A 108 -6.18 0.57 -11.43
C PHE A 108 -7.73 0.59 -11.39
N ALA A 109 -8.30 1.39 -10.48
CA ALA A 109 -9.74 1.49 -10.38
C ALA A 109 -10.33 2.01 -11.70
N ALA A 110 -9.71 3.04 -12.28
CA ALA A 110 -10.21 3.60 -13.56
C ALA A 110 -10.13 2.56 -14.67
N CYS A 111 -9.01 1.83 -14.73
CA CYS A 111 -8.84 0.79 -15.76
C CYS A 111 -9.87 -0.33 -15.58
N GLU A 112 -10.04 -0.79 -14.35
CA GLU A 112 -11.08 -1.81 -14.05
C GLU A 112 -12.50 -1.38 -14.39
N ALA A 113 -12.80 -0.11 -14.13
CA ALA A 113 -14.11 0.44 -14.43
C ALA A 113 -14.33 0.33 -15.93
N ALA A 114 -13.36 0.80 -16.72
CA ALA A 114 -13.40 0.71 -18.19
C ALA A 114 -13.59 -0.71 -18.70
N GLN A 115 -13.02 -1.71 -18.03
CA GLN A 115 -13.19 -3.12 -18.41
C GLN A 115 -14.50 -3.75 -17.90
N GLY A 116 -15.27 -3.04 -17.07
CA GLY A 116 -16.51 -3.56 -16.53
C GLY A 116 -16.34 -4.40 -15.26
N ASN A 117 -15.20 -4.28 -14.57
CA ASN A 117 -14.95 -5.03 -13.35
C ASN A 117 -15.16 -4.10 -12.17
N TYR A 118 -16.42 -3.74 -11.94
CA TYR A 118 -16.75 -2.63 -11.04
C TYR A 118 -16.45 -2.98 -9.57
N ALA A 119 -16.82 -4.17 -9.13
CA ALA A 119 -16.59 -4.58 -7.74
C ALA A 119 -15.11 -4.61 -7.40
N ASP A 120 -14.30 -5.06 -8.36
CA ASP A 120 -12.87 -5.09 -8.18
C ASP A 120 -12.33 -3.66 -8.04
N ALA A 121 -12.85 -2.76 -8.87
CA ALA A 121 -12.46 -1.34 -8.83
C ALA A 121 -12.76 -0.77 -7.44
N MET A 122 -13.99 -1.01 -6.95
CA MET A 122 -14.43 -0.50 -5.64
C MET A 122 -13.63 -1.10 -4.50
N GLU A 123 -13.38 -2.39 -4.58
CA GLU A 123 -12.58 -3.06 -3.57
C GLU A 123 -11.17 -2.45 -3.48
N ALA A 124 -10.53 -2.15 -4.62
CA ALA A 124 -9.21 -1.51 -4.61
C ALA A 124 -9.31 -0.14 -3.97
N LEU A 125 -10.37 0.60 -4.27
CA LEU A 125 -10.55 1.95 -3.70
C LEU A 125 -10.68 1.93 -2.18
N GLU A 126 -11.30 0.89 -1.64
CA GLU A 126 -11.58 0.78 -0.22
C GLU A 126 -10.56 -0.08 0.54
N ALA A 127 -9.49 -0.52 -0.12
CA ALA A 127 -8.51 -1.43 0.49
C ALA A 127 -7.65 -0.78 1.56
N ALA A 128 -7.57 0.56 1.60
CA ALA A 128 -6.77 1.24 2.63
C ALA A 128 -7.34 2.63 2.92
N PRO A 129 -7.00 3.19 4.09
CA PRO A 129 -7.49 4.54 4.36
C PRO A 129 -6.89 5.58 3.38
N VAL A 130 -7.58 6.68 3.20
CA VAL A 130 -7.05 7.72 2.32
C VAL A 130 -7.04 9.06 3.00
N ALA A 131 -6.56 9.00 4.23
CA ALA A 131 -5.44 9.82 4.67
C ALA A 131 -5.31 11.14 3.91
N GLY A 132 -6.26 12.04 4.19
CA GLY A 132 -6.33 13.37 3.54
C GLY A 132 -6.63 13.42 2.04
N SER A 133 -6.92 12.28 1.41
CA SER A 133 -7.26 12.23 -0.01
C SER A 133 -8.67 11.74 -0.27
N GLU A 134 -9.59 12.04 0.65
CA GLU A 134 -10.94 11.52 0.55
C GLU A 134 -11.62 11.93 -0.76
N HIS A 135 -11.38 13.17 -1.17
CA HIS A 135 -11.94 13.71 -2.39
C HIS A 135 -11.49 12.96 -3.62
N LEU A 136 -10.25 12.46 -3.62
CA LEU A 136 -9.73 11.67 -4.73
C LEU A 136 -10.44 10.35 -4.85
N VAL A 137 -10.67 9.68 -3.73
CA VAL A 137 -11.47 8.45 -3.73
C VAL A 137 -12.92 8.71 -4.15
N ALA A 138 -13.51 9.81 -3.67
CA ALA A 138 -14.86 10.17 -4.11
C ALA A 138 -14.90 10.36 -5.60
N TRP A 139 -13.89 11.07 -6.14
CA TRP A 139 -13.78 11.25 -7.59
C TRP A 139 -13.70 9.92 -8.30
N MET A 140 -12.84 9.01 -7.82
CA MET A 140 -12.73 7.70 -8.46
C MET A 140 -14.03 6.88 -8.37
N LYS A 141 -14.75 6.99 -7.27
CA LYS A 141 -16.05 6.34 -7.18
C LYS A 141 -17.04 6.88 -8.21
N ALA A 142 -17.01 8.20 -8.43
CA ALA A 142 -17.79 8.86 -9.46
C ALA A 142 -17.45 8.30 -10.85
N VAL A 143 -16.17 8.02 -11.07
CA VAL A 143 -15.71 7.36 -12.29
C VAL A 143 -16.28 5.94 -12.43
N VAL A 144 -16.18 5.14 -11.36
CA VAL A 144 -16.64 3.76 -11.37
C VAL A 144 -18.16 3.69 -11.53
N TYR A 145 -18.88 4.46 -10.71
CA TYR A 145 -20.34 4.49 -10.76
C TYR A 145 -20.80 5.02 -12.14
N GLY A 146 -20.12 6.03 -12.67
CA GLY A 146 -20.50 6.61 -13.98
C GLY A 146 -20.36 5.59 -15.09
N ALA A 147 -19.28 4.78 -15.00
CA ALA A 147 -19.04 3.73 -16.00
C ALA A 147 -20.20 2.74 -16.05
N ALA A 148 -20.81 2.50 -14.90
CA ALA A 148 -21.96 1.58 -14.76
C ALA A 148 -23.32 2.29 -14.88
N GLU A 149 -23.29 3.56 -15.27
CA GLU A 149 -24.51 4.39 -15.38
C GLU A 149 -25.33 4.43 -14.08
N ARG A 150 -24.62 4.46 -12.96
CA ARG A 150 -25.25 4.56 -11.66
C ARG A 150 -25.29 6.04 -11.25
N TRP A 151 -26.18 6.79 -11.91
CA TRP A 151 -26.12 8.25 -11.84
C TRP A 151 -26.44 8.80 -10.49
N THR A 152 -27.37 8.20 -9.77
CA THR A 152 -27.67 8.68 -8.42
C THR A 152 -26.48 8.43 -7.45
N ASP A 153 -25.71 7.35 -7.66
CA ASP A 153 -24.52 7.08 -6.82
C ASP A 153 -23.41 8.09 -7.19
N VAL A 154 -23.30 8.45 -8.47
CA VAL A 154 -22.39 9.50 -8.87
C VAL A 154 -22.69 10.77 -8.10
N ILE A 155 -23.93 11.20 -8.11
CA ILE A 155 -24.33 12.43 -7.42
C ILE A 155 -24.00 12.34 -5.92
N ASP A 156 -24.31 11.22 -5.28
CA ASP A 156 -23.94 11.04 -3.87
C ASP A 156 -22.44 11.30 -3.61
N GLN A 157 -21.59 10.83 -4.50
CA GLN A 157 -20.14 11.01 -4.35
C GLN A 157 -19.65 12.45 -4.58
N VAL A 158 -20.28 13.19 -5.47
CA VAL A 158 -19.73 14.49 -5.87
C VAL A 158 -20.53 15.68 -5.33
N LYS A 159 -21.65 15.42 -4.67
CA LYS A 159 -22.54 16.51 -4.23
C LYS A 159 -21.85 17.45 -3.24
N SER A 160 -20.84 16.93 -2.54
CA SER A 160 -20.02 17.68 -1.60
C SER A 160 -18.82 18.44 -2.18
N ALA A 161 -18.71 18.50 -3.52
CA ALA A 161 -17.48 18.93 -4.15
C ALA A 161 -17.15 20.41 -3.90
N GLY A 162 -18.14 21.19 -3.53
CA GLY A 162 -17.91 22.60 -3.14
C GLY A 162 -16.89 22.74 -2.01
N LYS A 163 -16.73 21.70 -1.21
CA LYS A 163 -15.82 21.69 -0.08
C LYS A 163 -14.47 21.02 -0.36
N TRP A 164 -14.18 20.67 -1.61
CA TRP A 164 -12.90 20.03 -1.92
C TRP A 164 -11.75 21.03 -1.97
N PRO A 165 -10.51 20.60 -1.64
CA PRO A 165 -9.36 21.52 -1.76
C PRO A 165 -9.05 21.82 -3.25
N ASP A 166 -8.92 20.72 -3.98
CA ASP A 166 -8.39 20.70 -5.31
C ASP A 166 -9.47 21.27 -6.23
N LYS A 167 -9.27 22.50 -6.70
CA LYS A 167 -10.29 23.19 -7.49
C LYS A 167 -10.44 22.61 -8.89
N PHE A 168 -9.38 21.99 -9.41
CA PHE A 168 -9.46 21.27 -10.66
C PHE A 168 -10.43 20.12 -10.47
N LEU A 169 -10.19 19.31 -9.44
CA LEU A 169 -11.00 18.12 -9.22
C LEU A 169 -12.44 18.48 -8.79
N ALA A 170 -12.59 19.58 -8.03
CA ALA A 170 -13.93 20.11 -7.72
C ALA A 170 -14.71 20.49 -9.00
N GLY A 171 -13.98 21.06 -9.95
CA GLY A 171 -14.52 21.35 -11.28
C GLY A 171 -14.92 20.09 -12.03
N ALA A 172 -14.03 19.08 -12.06
CA ALA A 172 -14.37 17.80 -12.67
C ALA A 172 -15.63 17.18 -12.03
N ALA A 173 -15.73 17.30 -10.72
CA ALA A 173 -16.86 16.79 -9.99
C ALA A 173 -18.17 17.45 -10.43
N GLY A 174 -18.11 18.75 -10.70
CA GLY A 174 -19.23 19.50 -11.26
C GLY A 174 -19.64 18.97 -12.63
N VAL A 175 -18.66 18.62 -13.46
CA VAL A 175 -18.96 17.93 -14.71
C VAL A 175 -19.68 16.59 -14.46
N ALA A 176 -19.18 15.79 -13.52
CA ALA A 176 -19.84 14.50 -13.20
C ALA A 176 -21.27 14.70 -12.71
N HIS A 177 -21.46 15.73 -11.90
CA HIS A 177 -22.77 16.04 -11.34
C HIS A 177 -23.72 16.42 -12.50
N GLY A 178 -23.22 17.24 -13.43
CA GLY A 178 -24.01 17.67 -14.62
C GLY A 178 -24.35 16.56 -15.58
N VAL A 179 -23.36 15.68 -15.84
CA VAL A 179 -23.59 14.50 -16.66
C VAL A 179 -24.65 13.57 -16.04
N ALA A 180 -24.49 13.29 -14.75
CA ALA A 180 -25.45 12.47 -14.01
C ALA A 180 -26.87 13.09 -14.11
N ALA A 181 -26.97 14.40 -13.89
CA ALA A 181 -28.27 15.11 -14.03
C ALA A 181 -28.90 14.95 -15.40
N ALA A 182 -28.10 15.14 -16.45
CA ALA A 182 -28.56 14.97 -17.83
C ALA A 182 -29.09 13.57 -18.09
N ASN A 183 -28.38 12.56 -17.61
CA ASN A 183 -28.78 11.18 -17.80
C ASN A 183 -30.05 10.80 -17.02
N LEU A 184 -30.39 11.61 -16.02
CA LEU A 184 -31.63 11.46 -15.25
C LEU A 184 -32.74 12.41 -15.78
N ALA A 185 -32.52 13.01 -16.94
CA ALA A 185 -33.49 13.91 -17.57
C ALA A 185 -33.75 15.20 -16.78
N LEU A 186 -32.78 15.57 -15.93
CA LEU A 186 -32.81 16.81 -15.16
C LEU A 186 -32.02 17.84 -15.97
N PHE A 187 -32.61 18.22 -17.09
CA PHE A 187 -31.87 18.90 -18.14
C PHE A 187 -31.49 20.34 -17.78
N THR A 188 -32.39 21.05 -17.10
CA THR A 188 -32.10 22.41 -16.68
C THR A 188 -30.94 22.44 -15.68
N GLU A 189 -31.00 21.54 -14.70
CA GLU A 189 -29.92 21.37 -13.74
C GLU A 189 -28.60 21.02 -14.46
N ALA A 190 -28.66 20.06 -15.39
CA ALA A 190 -27.49 19.68 -16.18
C ALA A 190 -26.86 20.89 -16.87
N GLU A 191 -27.69 21.73 -17.47
CA GLU A 191 -27.19 22.93 -18.16
C GLU A 191 -26.53 23.92 -17.22
N ARG A 192 -27.15 24.18 -16.07
CA ARG A 192 -26.51 25.04 -15.06
C ARG A 192 -25.14 24.45 -14.60
N ARG A 193 -25.12 23.18 -14.21
CA ARG A 193 -23.89 22.59 -13.68
C ARG A 193 -22.79 22.47 -14.73
N LEU A 194 -23.14 22.10 -15.95
CA LEU A 194 -22.15 21.92 -17.01
C LEU A 194 -21.59 23.27 -17.46
N THR A 195 -22.45 24.30 -17.47
CA THR A 195 -22.01 25.66 -17.77
C THR A 195 -21.06 26.21 -16.70
N GLU A 196 -21.38 26.02 -15.42
CA GLU A 196 -20.46 26.39 -14.34
C GLU A 196 -19.14 25.61 -14.38
N ALA A 197 -19.22 24.30 -14.60
CA ALA A 197 -18.03 23.48 -14.65
C ALA A 197 -17.13 23.89 -15.84
N ASN A 198 -17.75 24.40 -16.90
CA ASN A 198 -16.99 24.88 -18.02
C ASN A 198 -16.06 26.05 -17.66
N ASP A 199 -16.46 26.86 -16.69
CA ASP A 199 -15.61 27.98 -16.20
C ASP A 199 -14.53 27.56 -15.21
N SER A 200 -14.53 26.32 -14.78
CA SER A 200 -13.59 25.85 -13.79
C SER A 200 -12.28 25.49 -14.48
N PRO A 201 -11.23 25.18 -13.69
CA PRO A 201 -9.97 24.70 -14.29
C PRO A 201 -10.07 23.35 -15.01
N ALA A 202 -11.15 22.59 -14.79
CA ALA A 202 -11.37 21.30 -15.47
C ALA A 202 -12.12 21.44 -16.82
N GLY A 203 -12.54 22.67 -17.16
CA GLY A 203 -13.36 22.89 -18.36
C GLY A 203 -12.75 22.39 -19.66
N GLU A 204 -11.45 22.59 -19.82
CA GLU A 204 -10.75 22.13 -21.00
C GLU A 204 -10.61 20.60 -21.03
N ALA A 205 -10.18 20.02 -19.91
CA ALA A 205 -10.01 18.57 -19.83
C ALA A 205 -11.32 17.82 -20.08
N CYS A 206 -12.44 18.44 -19.71
CA CYS A 206 -13.76 17.80 -19.81
C CYS A 206 -14.63 18.42 -20.94
N ALA A 207 -13.97 19.09 -21.90
CA ALA A 207 -14.67 19.85 -22.94
C ALA A 207 -15.64 18.99 -23.73
N ARG A 208 -15.25 17.76 -24.03
CA ARG A 208 -16.06 16.90 -24.87
C ARG A 208 -17.39 16.46 -24.22
N ALA A 209 -17.32 15.98 -22.98
CA ALA A 209 -18.52 15.61 -22.23
C ALA A 209 -19.38 16.83 -21.94
N ILE A 210 -18.75 17.96 -21.60
CA ILE A 210 -19.49 19.18 -21.32
C ILE A 210 -20.35 19.55 -22.54
N ALA A 211 -19.74 19.66 -23.71
CA ALA A 211 -20.48 20.09 -24.92
C ALA A 211 -21.51 19.05 -25.37
N TRP A 212 -21.13 17.78 -25.34
CA TRP A 212 -22.04 16.70 -25.72
C TRP A 212 -23.28 16.66 -24.89
N TYR A 213 -23.12 16.71 -23.58
CA TYR A 213 -24.28 16.61 -22.70
C TYR A 213 -25.10 17.91 -22.68
N LEU A 214 -24.45 19.06 -22.84
CA LEU A 214 -25.21 20.30 -23.06
C LEU A 214 -26.05 20.17 -24.31
N ALA A 215 -25.46 19.67 -25.40
CA ALA A 215 -26.19 19.53 -26.68
C ALA A 215 -27.36 18.60 -26.52
N MET A 216 -27.12 17.47 -25.87
CA MET A 216 -28.20 16.50 -25.63
C MET A 216 -29.30 17.09 -24.75
N ALA A 217 -28.94 17.81 -23.69
CA ALA A 217 -29.95 18.46 -22.86
C ALA A 217 -30.78 19.46 -23.67
N ARG A 218 -30.12 20.28 -24.48
CA ARG A 218 -30.85 21.27 -25.28
C ARG A 218 -31.78 20.61 -26.26
N ARG A 219 -31.31 19.57 -26.93
CA ARG A 219 -32.14 18.88 -27.92
C ARG A 219 -33.39 18.27 -27.25
N SER A 220 -33.22 17.62 -26.10
CA SER A 220 -34.37 17.00 -25.43
C SER A 220 -35.37 18.03 -24.92
N GLN A 221 -34.91 19.23 -24.59
CA GLN A 221 -35.84 20.32 -24.26
C GLN A 221 -36.52 20.94 -25.49
N GLY A 222 -36.06 20.59 -26.68
CA GLY A 222 -36.65 21.12 -27.91
C GLY A 222 -35.86 22.25 -28.53
N ASN A 223 -34.80 22.70 -27.87
CA ASN A 223 -34.02 23.85 -28.33
C ASN A 223 -32.99 23.37 -29.35
N GLU A 224 -33.47 23.06 -30.55
CA GLU A 224 -32.66 22.39 -31.56
C GLU A 224 -31.50 23.27 -32.06
N SER A 225 -31.71 24.58 -32.13
CA SER A 225 -30.68 25.45 -32.69
C SER A 225 -29.51 25.57 -31.69
N ALA A 226 -29.80 25.54 -30.39
CA ALA A 226 -28.74 25.47 -29.39
C ALA A 226 -27.98 24.14 -29.51
N ALA A 227 -28.71 23.03 -29.62
CA ALA A 227 -28.08 21.73 -29.75
C ALA A 227 -27.14 21.68 -30.95
N VAL A 228 -27.62 22.19 -32.08
CA VAL A 228 -26.86 22.15 -33.33
C VAL A 228 -25.60 23.02 -33.19
N ALA A 229 -25.70 24.18 -32.55
CA ALA A 229 -24.56 25.08 -32.37
C ALA A 229 -23.47 24.36 -31.52
N LEU A 230 -23.90 23.64 -30.48
CA LEU A 230 -22.95 22.91 -29.64
C LEU A 230 -22.29 21.74 -30.41
N LEU A 231 -23.08 21.03 -31.21
CA LEU A 231 -22.57 19.90 -32.00
C LEU A 231 -21.65 20.38 -33.13
N GLU A 232 -21.97 21.52 -33.75
CA GLU A 232 -21.05 22.12 -34.73
C GLU A 232 -19.73 22.52 -34.10
N TRP A 233 -19.79 23.05 -32.89
CA TRP A 233 -18.57 23.38 -32.16
C TRP A 233 -17.77 22.13 -31.91
N LEU A 234 -18.44 21.06 -31.48
CA LEU A 234 -17.76 19.77 -31.22
C LEU A 234 -17.14 19.17 -32.47
N GLN A 235 -17.87 19.19 -33.59
CA GLN A 235 -17.33 18.61 -34.82
C GLN A 235 -16.12 19.40 -35.30
N THR A 236 -16.09 20.71 -35.01
CA THR A 236 -14.92 21.52 -35.36
C THR A 236 -13.73 21.26 -34.45
N THR A 237 -13.97 21.12 -33.16
CA THR A 237 -12.92 21.07 -32.17
C THR A 237 -12.54 19.66 -31.71
N HIS A 238 -13.50 18.74 -31.71
CA HIS A 238 -13.29 17.37 -31.23
C HIS A 238 -14.10 16.42 -32.06
N PRO A 239 -13.79 16.32 -33.36
CA PRO A 239 -14.62 15.54 -34.27
C PRO A 239 -14.70 14.06 -33.92
N GLU A 240 -15.88 13.49 -34.15
CA GLU A 240 -16.17 12.14 -33.73
C GLU A 240 -17.33 11.62 -34.55
N PRO A 241 -17.31 10.33 -34.93
CA PRO A 241 -18.47 9.75 -35.62
C PRO A 241 -19.84 10.03 -34.98
N LYS A 242 -19.98 9.87 -33.68
CA LYS A 242 -21.30 10.06 -33.07
C LYS A 242 -21.74 11.56 -33.06
N VAL A 243 -20.79 12.49 -33.15
CA VAL A 243 -21.12 13.91 -33.22
C VAL A 243 -21.64 14.23 -34.63
N ALA A 244 -20.94 13.72 -35.66
CA ALA A 244 -21.40 13.82 -37.04
C ALA A 244 -22.80 13.23 -37.18
N ALA A 245 -23.01 12.07 -36.58
CA ALA A 245 -24.30 11.37 -36.64
C ALA A 245 -25.40 12.19 -35.95
N ALA A 246 -25.10 12.73 -34.78
CA ALA A 246 -26.09 13.51 -34.02
C ALA A 246 -26.43 14.84 -34.72
N LEU A 247 -25.45 15.40 -35.41
CA LEU A 247 -25.66 16.66 -36.17
C LEU A 247 -26.56 16.40 -37.40
N LYS A 248 -26.39 15.25 -38.03
CA LYS A 248 -27.15 14.90 -39.22
C LYS A 248 -28.57 14.42 -38.91
N ASP A 249 -28.84 14.00 -37.67
CA ASP A 249 -30.14 13.38 -37.34
C ASP A 249 -30.74 13.99 -36.07
N PRO A 250 -31.78 14.81 -36.23
CA PRO A 250 -32.42 15.45 -35.06
C PRO A 250 -33.15 14.50 -34.13
N SER A 251 -33.43 13.28 -34.60
CA SER A 251 -34.01 12.28 -33.72
C SER A 251 -32.95 11.56 -32.87
N TYR A 252 -31.66 11.87 -33.07
CA TYR A 252 -30.62 11.31 -32.22
C TYR A 252 -30.71 11.95 -30.83
N ARG A 253 -31.17 11.18 -29.85
CA ARG A 253 -31.36 11.71 -28.49
C ARG A 253 -30.75 10.84 -27.42
N LEU A 254 -30.42 11.47 -26.30
CA LEU A 254 -29.97 10.79 -25.11
C LEU A 254 -31.11 9.92 -24.53
N LYS A 255 -30.83 8.66 -24.27
CA LYS A 255 -31.82 7.79 -23.60
C LYS A 255 -31.60 7.99 -22.12
N THR A 256 -32.60 8.45 -21.40
CA THR A 256 -32.41 8.79 -20.00
C THR A 256 -32.99 7.71 -19.10
N THR A 257 -32.63 7.75 -17.83
CA THR A 257 -33.17 6.85 -16.82
C THR A 257 -33.65 7.69 -15.62
N THR A 258 -33.99 7.01 -14.53
CA THR A 258 -34.48 7.65 -13.29
C THR A 258 -33.93 6.90 -12.08
N ALA A 259 -34.02 7.54 -10.91
CA ALA A 259 -33.62 6.90 -9.66
C ALA A 259 -34.36 5.56 -9.45
N GLU A 260 -35.66 5.59 -9.70
CA GLU A 260 -36.50 4.40 -9.56
C GLU A 260 -36.06 3.28 -10.50
N GLN A 261 -35.79 3.63 -11.75
CA GLN A 261 -35.36 2.64 -12.72
C GLN A 261 -34.00 2.03 -12.33
N ILE A 262 -33.04 2.86 -11.92
CA ILE A 262 -31.74 2.35 -11.46
C ILE A 262 -31.92 1.38 -10.26
N ALA A 263 -32.76 1.76 -9.31
CA ALA A 263 -33.02 0.90 -8.15
C ALA A 263 -33.70 -0.43 -8.52
N SER A 264 -34.43 -0.47 -9.63
CA SER A 264 -35.08 -1.72 -10.07
C SER A 264 -34.14 -2.65 -10.86
N ARG A 265 -32.89 -2.27 -11.08
CA ARG A 265 -31.97 -3.15 -11.79
C ARG A 265 -31.82 -4.47 -11.04
N ALA A 266 -31.93 -5.60 -11.74
CA ALA A 266 -31.65 -6.91 -11.14
C ALA A 266 -30.18 -6.97 -10.69
N ASP A 267 -29.31 -6.28 -11.45
CA ASP A 267 -27.91 -6.12 -11.08
C ASP A 267 -27.56 -4.65 -11.20
N PRO A 268 -27.33 -3.97 -10.06
CA PRO A 268 -27.09 -2.53 -10.03
C PRO A 268 -25.97 -2.09 -11.00
N TRP A 269 -25.01 -2.98 -11.27
CA TRP A 269 -23.89 -2.66 -12.19
C TRP A 269 -24.25 -2.76 -13.65
N ASP A 270 -25.45 -3.26 -13.96
CA ASP A 270 -25.86 -3.55 -15.32
C ASP A 270 -27.11 -2.73 -15.73
N PRO A 271 -26.89 -1.66 -16.50
CA PRO A 271 -27.98 -0.83 -16.95
C PRO A 271 -29.00 -1.58 -17.81
N GLY A 272 -28.58 -2.69 -18.43
CA GLY A 272 -29.47 -3.53 -19.20
C GLY A 272 -30.44 -4.37 -18.38
N SER A 273 -30.32 -4.40 -17.06
CA SER A 273 -31.06 -5.37 -16.22
C SER A 273 -32.29 -4.77 -15.51
N VAL A 274 -32.80 -3.67 -16.03
CA VAL A 274 -33.89 -2.94 -15.38
C VAL A 274 -35.15 -3.79 -15.39
N VAL A 275 -35.64 -4.13 -14.19
CA VAL A 275 -36.79 -5.03 -14.01
C VAL A 275 -38.12 -4.33 -14.23
N HIS B 2 1.62 26.82 -1.28
CA HIS B 2 2.32 27.51 -0.17
C HIS B 2 2.67 26.50 0.86
N MET B 3 1.67 25.78 1.36
CA MET B 3 1.88 24.72 2.35
C MET B 3 2.71 23.56 1.78
N THR B 4 2.43 23.16 0.55
CA THR B 4 3.18 22.08 -0.10
C THR B 4 4.67 22.42 -0.15
N ASP B 5 4.95 23.64 -0.60
CA ASP B 5 6.32 24.12 -0.67
C ASP B 5 6.95 24.12 0.70
N ARG B 6 6.22 24.55 1.72
CA ARG B 6 6.76 24.58 3.07
C ARG B 6 7.16 23.20 3.56
N LEU B 7 6.27 22.21 3.39
CA LEU B 7 6.52 20.86 3.88
C LEU B 7 7.68 20.21 3.11
N ALA B 8 7.74 20.44 1.80
CA ALA B 8 8.87 20.00 0.95
C ALA B 8 10.20 20.49 1.50
N SER B 9 10.26 21.78 1.78
CA SER B 9 11.47 22.42 2.26
C SER B 9 11.87 21.93 3.67
N LEU B 10 10.88 21.76 4.55
CA LEU B 10 11.12 21.14 5.86
C LEU B 10 11.66 19.71 5.71
N PHE B 11 11.12 18.96 4.76
CA PHE B 11 11.58 17.57 4.56
C PHE B 11 13.04 17.55 4.09
N GLU B 12 13.35 18.38 3.10
CA GLU B 12 14.74 18.53 2.65
C GLU B 12 15.69 18.89 3.80
N SER B 13 15.26 19.84 4.62
CA SER B 13 16.08 20.29 5.75
C SER B 13 16.28 19.15 6.75
N ALA B 14 15.20 18.43 7.08
CA ALA B 14 15.29 17.31 8.03
C ALA B 14 16.29 16.26 7.54
N VAL B 15 16.20 15.91 6.25
CA VAL B 15 17.12 14.89 5.71
C VAL B 15 18.56 15.43 5.75
N SER B 16 18.77 16.71 5.48
CA SER B 16 20.13 17.29 5.51
C SER B 16 20.74 17.28 6.91
N MET B 17 19.89 17.39 7.92
CA MET B 17 20.33 17.44 9.29
C MET B 17 20.68 16.05 9.86
N LEU B 18 20.29 14.99 9.17
CA LEU B 18 20.41 13.62 9.72
C LEU B 18 21.81 13.22 10.12
N PRO B 19 22.83 13.51 9.28
CA PRO B 19 24.19 13.17 9.71
C PRO B 19 24.68 14.00 10.89
N MET B 20 24.10 15.18 11.13
CA MET B 20 24.56 16.07 12.20
C MET B 20 23.85 15.76 13.53
N SER B 21 22.54 15.66 13.50
CA SER B 21 21.76 15.51 14.71
C SER B 21 20.37 14.94 14.42
N GLU B 22 20.19 13.68 14.78
CA GLU B 22 18.90 13.04 14.67
C GLU B 22 17.84 13.76 15.52
N ALA B 23 18.22 14.26 16.70
CA ALA B 23 17.30 15.02 17.56
C ALA B 23 16.72 16.27 16.84
N ARG B 24 17.57 17.02 16.16
CA ARG B 24 17.12 18.17 15.38
C ARG B 24 16.30 17.80 14.14
N SER B 25 16.70 16.72 13.45
CA SER B 25 15.90 16.20 12.32
C SER B 25 14.52 15.83 12.81
N LEU B 26 14.46 15.19 13.98
CA LEU B 26 13.15 14.79 14.55
C LEU B 26 12.22 15.99 14.73
N ASP B 27 12.77 17.11 15.20
CA ASP B 27 11.99 18.35 15.39
C ASP B 27 11.38 18.76 14.06
N LEU B 28 12.14 18.62 12.97
CA LEU B 28 11.69 19.05 11.65
C LEU B 28 10.68 18.09 11.01
N PHE B 29 10.93 16.79 11.11
CA PHE B 29 9.93 15.81 10.70
C PHE B 29 8.64 15.97 11.53
N THR B 30 8.77 16.29 12.81
CA THR B 30 7.61 16.46 13.67
C THR B 30 6.82 17.69 13.29
N GLU B 31 7.53 18.76 12.91
CA GLU B 31 6.88 19.95 12.38
C GLU B 31 6.01 19.63 11.14
N ILE B 32 6.50 18.76 10.25
CA ILE B 32 5.71 18.33 9.08
C ILE B 32 4.44 17.54 9.50
N THR B 33 4.58 16.57 10.38
CA THR B 33 3.44 15.74 10.82
C THR B 33 2.44 16.57 11.61
N ASN B 34 2.92 17.59 12.34
CA ASN B 34 2.01 18.57 12.96
C ASN B 34 1.11 19.27 11.93
N TYR B 35 1.62 19.55 10.74
CA TYR B 35 0.84 20.22 9.70
C TYR B 35 0.03 19.24 8.87
N ASP B 36 0.55 18.02 8.70
CA ASP B 36 -0.07 17.05 7.83
C ASP B 36 0.12 15.67 8.42
N GLU B 37 -0.93 15.23 9.11
CA GLU B 37 -0.97 13.96 9.76
C GLU B 37 -0.87 12.79 8.80
N SER B 38 -1.20 13.02 7.53
CA SER B 38 -1.14 11.96 6.49
C SER B 38 0.21 11.93 5.74
N ALA B 39 1.21 12.71 6.19
CA ALA B 39 2.56 12.74 5.57
C ALA B 39 3.38 11.53 5.98
N CYS B 40 3.07 10.40 5.36
CA CYS B 40 3.74 9.13 5.64
C CYS B 40 5.27 9.25 5.71
N ASP B 41 5.89 9.89 4.71
CA ASP B 41 7.36 9.98 4.67
C ASP B 41 7.94 10.69 5.90
N ALA B 42 7.24 11.66 6.45
CA ALA B 42 7.70 12.35 7.67
C ALA B 42 7.54 11.49 8.94
N TRP B 43 6.49 10.66 9.01
CA TRP B 43 6.40 9.68 10.07
C TRP B 43 7.56 8.71 10.01
N ILE B 44 7.95 8.27 8.80
CA ILE B 44 9.07 7.39 8.62
C ILE B 44 10.39 8.10 8.99
N GLY B 45 10.49 9.39 8.67
CA GLY B 45 11.61 10.23 9.10
C GLY B 45 11.74 10.22 10.61
N ARG B 46 10.61 10.34 11.31
CA ARG B 46 10.64 10.29 12.78
C ARG B 46 11.19 8.94 13.31
N ILE B 47 10.73 7.85 12.69
CA ILE B 47 11.25 6.50 13.01
C ILE B 47 12.77 6.46 12.82
N ARG B 48 13.24 7.00 11.71
CA ARG B 48 14.65 7.06 11.41
C ARG B 48 15.41 7.79 12.52
N CYS B 49 14.76 8.79 13.13
CA CYS B 49 15.41 9.54 14.19
C CYS B 49 15.29 8.91 15.58
N GLY B 50 14.77 7.69 15.66
CA GLY B 50 14.64 6.97 16.92
C GLY B 50 13.28 7.09 17.59
N ASP B 51 12.30 7.65 16.91
CA ASP B 51 10.97 7.74 17.48
C ASP B 51 10.25 6.45 17.13
N THR B 52 10.25 5.47 18.03
CA THR B 52 9.44 4.25 17.78
C THR B 52 8.20 4.14 18.71
N ASP B 53 7.68 5.28 19.16
CA ASP B 53 6.35 5.37 19.78
C ASP B 53 5.37 4.59 18.93
N ARG B 54 4.56 3.76 19.59
CA ARG B 54 3.55 2.98 18.90
C ARG B 54 2.60 3.85 18.02
N VAL B 55 2.31 5.07 18.46
CA VAL B 55 1.45 5.96 17.66
C VAL B 55 2.13 6.37 16.33
N THR B 56 3.43 6.62 16.36
CA THR B 56 4.20 6.99 15.18
C THR B 56 4.15 5.89 14.11
N LEU B 57 4.35 4.63 14.52
CA LEU B 57 4.23 3.51 13.62
C LEU B 57 2.79 3.38 13.10
N PHE B 58 1.83 3.54 13.99
CA PHE B 58 0.48 3.47 13.55
C PHE B 58 0.19 4.52 12.42
N ARG B 59 0.65 5.73 12.63
CA ARG B 59 0.35 6.83 11.73
C ARG B 59 1.06 6.64 10.38
N ALA B 60 2.27 6.07 10.42
CA ALA B 60 2.97 5.69 9.20
C ALA B 60 2.17 4.64 8.43
N TRP B 61 1.71 3.63 9.15
CA TRP B 61 0.91 2.57 8.54
C TRP B 61 -0.41 3.07 7.98
N TYR B 62 -1.10 3.88 8.76
CA TYR B 62 -2.39 4.40 8.35
C TYR B 62 -2.30 5.25 7.09
N SER B 63 -1.22 6.01 6.95
CA SER B 63 -0.99 6.85 5.77
C SER B 63 -0.12 6.19 4.68
N ARG B 64 -0.03 4.86 4.71
CA ARG B 64 0.84 4.13 3.80
C ARG B 64 0.58 4.38 2.30
N ARG B 65 -0.65 4.71 1.92
CA ARG B 65 -0.92 5.05 0.52
C ARG B 65 -0.19 6.32 0.05
N ASN B 66 0.34 7.11 0.99
CA ASN B 66 1.14 8.29 0.70
C ASN B 66 2.63 8.05 0.76
N PHE B 67 3.05 6.80 0.92
CA PHE B 67 4.47 6.48 0.94
C PHE B 67 5.13 6.96 -0.34
N GLY B 68 6.17 7.78 -0.20
CA GLY B 68 6.93 8.26 -1.36
C GLY B 68 6.47 9.60 -1.90
N GLN B 69 5.29 10.07 -1.50
CA GLN B 69 4.74 11.33 -2.03
C GLN B 69 5.59 12.56 -1.63
N LEU B 70 5.88 12.72 -0.34
CA LEU B 70 6.56 13.92 0.15
C LEU B 70 8.02 13.92 -0.25
N SER B 71 8.70 12.82 0.01
CA SER B 71 10.10 12.67 -0.41
C SER B 71 10.19 12.80 -1.92
N GLY B 72 9.23 12.23 -2.62
CA GLY B 72 9.20 12.31 -4.07
C GLY B 72 9.10 13.73 -4.61
N SER B 73 8.39 14.60 -3.88
CA SER B 73 8.24 16.00 -4.31
C SER B 73 9.56 16.79 -4.26
N VAL B 74 10.56 16.25 -3.58
CA VAL B 74 11.92 16.82 -3.66
C VAL B 74 12.93 15.79 -4.17
N GLN B 75 12.45 14.79 -4.93
CA GLN B 75 13.33 13.82 -5.62
C GLN B 75 14.28 13.08 -4.67
N ILE B 76 13.81 12.75 -3.48
CA ILE B 76 14.58 11.96 -2.52
C ILE B 76 13.96 10.56 -2.47
N SER B 77 14.75 9.53 -2.65
CA SER B 77 14.27 8.18 -2.44
C SER B 77 14.23 7.88 -0.93
N MET B 78 13.14 7.25 -0.48
CA MET B 78 13.02 6.90 0.93
C MET B 78 14.10 5.91 1.40
N SER B 79 14.63 5.11 0.48
CA SER B 79 15.71 4.19 0.80
C SER B 79 16.95 4.91 1.28
N THR B 80 17.16 6.14 0.82
CA THR B 80 18.36 6.90 1.26
C THR B 80 18.18 7.45 2.69
N LEU B 81 16.96 7.64 3.19
CA LEU B 81 16.81 8.00 4.61
C LEU B 81 17.26 6.87 5.48
N ASN B 82 17.08 5.65 4.96
CA ASN B 82 17.48 4.43 5.62
C ASN B 82 16.92 4.25 7.03
N ALA B 83 15.63 4.50 7.14
CA ALA B 83 14.88 4.10 8.32
C ALA B 83 14.87 2.60 8.38
N ARG B 84 14.89 2.06 9.59
CA ARG B 84 14.79 0.63 9.77
C ARG B 84 13.81 0.37 10.90
N ILE B 85 13.05 -0.71 10.78
CA ILE B 85 12.04 -1.06 11.78
C ILE B 85 12.33 -2.46 12.33
N ALA B 86 11.89 -2.71 13.55
CA ALA B 86 12.12 -3.97 14.25
C ALA B 86 11.12 -5.02 13.76
N ILE B 87 11.63 -6.18 13.39
CA ILE B 87 10.79 -7.29 12.93
C ILE B 87 11.13 -8.64 13.59
N GLY B 88 12.04 -8.64 14.56
CA GLY B 88 12.52 -9.87 15.17
C GLY B 88 11.63 -10.50 16.21
N GLY B 89 10.72 -9.70 16.76
CA GLY B 89 9.87 -10.15 17.85
C GLY B 89 10.70 -10.68 19.02
N LEU B 90 10.20 -11.74 19.63
CA LEU B 90 10.87 -12.33 20.79
C LEU B 90 12.07 -13.17 20.35
N TYR B 91 12.25 -13.39 19.02
CA TYR B 91 13.26 -14.33 18.55
C TYR B 91 14.67 -13.70 18.43
N GLY B 92 14.73 -12.42 18.16
CA GLY B 92 16.02 -11.80 17.91
C GLY B 92 15.89 -10.33 17.61
N ASP B 93 17.05 -9.68 17.50
CA ASP B 93 17.13 -8.28 17.16
C ASP B 93 17.35 -8.23 15.66
N ILE B 94 16.24 -8.08 14.93
CA ILE B 94 16.28 -8.09 13.47
C ILE B 94 15.55 -6.83 13.01
N THR B 95 16.23 -6.03 12.19
CA THR B 95 15.59 -4.86 11.62
C THR B 95 15.50 -5.03 10.09
N TYR B 96 14.64 -4.23 9.49
CA TYR B 96 14.32 -4.31 8.08
C TYR B 96 14.26 -2.88 7.56
N PRO B 97 14.83 -2.60 6.37
CA PRO B 97 14.84 -1.21 5.91
C PRO B 97 13.48 -0.80 5.38
N VAL B 98 13.07 0.44 5.67
CA VAL B 98 11.79 0.93 5.25
C VAL B 98 11.91 1.52 3.85
N THR B 99 11.85 0.63 2.86
CA THR B 99 12.05 0.96 1.46
C THR B 99 10.79 0.84 0.61
N SER B 100 9.69 0.37 1.23
CA SER B 100 8.44 0.16 0.54
C SER B 100 7.36 0.00 1.60
N PRO B 101 6.08 0.04 1.19
CA PRO B 101 4.97 -0.13 2.16
C PRO B 101 4.98 -1.46 2.91
N LEU B 102 5.57 -2.49 2.30
CA LEU B 102 5.67 -3.78 2.94
C LEU B 102 6.37 -3.63 4.28
N ALA B 103 7.49 -2.88 4.29
CA ALA B 103 8.25 -2.68 5.52
C ALA B 103 7.38 -2.02 6.61
N ILE B 104 6.53 -1.08 6.21
CA ILE B 104 5.70 -0.38 7.18
C ILE B 104 4.71 -1.38 7.81
N THR B 105 4.10 -2.23 6.96
CA THR B 105 3.17 -3.26 7.42
C THR B 105 3.85 -4.23 8.38
N MET B 106 5.06 -4.69 8.06
CA MET B 106 5.79 -5.61 8.91
C MET B 106 6.11 -4.96 10.25
N GLY B 107 6.59 -3.73 10.22
CA GLY B 107 6.91 -3.01 11.43
C GLY B 107 5.69 -2.79 12.31
N PHE B 108 4.59 -2.40 11.68
CA PHE B 108 3.32 -2.21 12.40
C PHE B 108 2.84 -3.53 13.04
N ALA B 109 2.90 -4.64 12.27
CA ALA B 109 2.44 -5.94 12.77
C ALA B 109 3.30 -6.35 13.97
N ALA B 110 4.63 -6.15 13.87
CA ALA B 110 5.56 -6.44 14.97
C ALA B 110 5.21 -5.62 16.23
N CYS B 111 5.00 -4.33 16.04
CA CYS B 111 4.66 -3.42 17.14
C CYS B 111 3.34 -3.84 17.79
N GLU B 112 2.33 -4.10 16.99
CA GLU B 112 1.04 -4.59 17.53
C GLU B 112 1.19 -5.90 18.32
N ALA B 113 2.00 -6.82 17.81
CA ALA B 113 2.23 -8.09 18.47
C ALA B 113 2.84 -7.85 19.85
N ALA B 114 3.86 -7.01 19.91
CA ALA B 114 4.49 -6.60 21.19
C ALA B 114 3.50 -5.96 22.17
N GLN B 115 2.51 -5.21 21.66
CA GLN B 115 1.49 -4.61 22.53
C GLN B 115 0.34 -5.58 22.88
N GLY B 116 0.34 -6.78 22.31
CA GLY B 116 -0.70 -7.77 22.59
C GLY B 116 -1.94 -7.70 21.71
N ASN B 117 -1.86 -6.97 20.61
CA ASN B 117 -3.01 -6.80 19.71
C ASN B 117 -2.85 -7.71 18.51
N TYR B 118 -3.05 -9.01 18.74
CA TYR B 118 -2.60 -10.02 17.78
C TYR B 118 -3.46 -10.08 16.53
N ALA B 119 -4.78 -10.02 16.70
CA ALA B 119 -5.69 -10.08 15.56
C ALA B 119 -5.46 -8.91 14.62
N ASP B 120 -5.18 -7.74 15.20
CA ASP B 120 -4.93 -6.53 14.41
C ASP B 120 -3.64 -6.72 13.62
N ALA B 121 -2.63 -7.27 14.28
CA ALA B 121 -1.34 -7.57 13.63
C ALA B 121 -1.54 -8.51 12.43
N MET B 122 -2.30 -9.59 12.63
CA MET B 122 -2.60 -10.58 11.55
C MET B 122 -3.37 -10.00 10.42
N GLU B 123 -4.37 -9.20 10.75
CA GLU B 123 -5.17 -8.57 9.72
C GLU B 123 -4.31 -7.63 8.86
N ALA B 124 -3.39 -6.90 9.49
CA ALA B 124 -2.45 -6.04 8.76
C ALA B 124 -1.60 -6.86 7.79
N LEU B 125 -1.18 -8.05 8.24
CA LEU B 125 -0.32 -8.91 7.43
C LEU B 125 -1.00 -9.48 6.17
N GLU B 126 -2.28 -9.79 6.28
CA GLU B 126 -3.02 -10.43 5.21
C GLU B 126 -3.73 -9.50 4.26
N ALA B 127 -3.57 -8.19 4.45
CA ALA B 127 -4.36 -7.20 3.73
C ALA B 127 -4.06 -7.07 2.23
N ALA B 128 -2.89 -7.55 1.78
CA ALA B 128 -2.49 -7.42 0.36
C ALA B 128 -1.85 -8.74 -0.12
N PRO B 129 -1.70 -8.89 -1.44
CA PRO B 129 -1.04 -10.10 -1.93
C PRO B 129 0.38 -10.19 -1.44
N VAL B 130 0.89 -11.41 -1.36
CA VAL B 130 2.22 -11.61 -0.82
C VAL B 130 3.28 -11.11 -1.82
N ALA B 131 3.01 -11.25 -3.12
CA ALA B 131 3.85 -10.65 -4.16
C ALA B 131 5.38 -10.84 -3.94
N GLY B 132 5.86 -12.09 -4.06
CA GLY B 132 7.26 -12.46 -3.81
C GLY B 132 7.76 -12.38 -2.35
N SER B 133 6.87 -12.10 -1.40
CA SER B 133 7.27 -11.95 -0.02
C SER B 133 6.62 -13.00 0.89
N GLU B 134 6.40 -14.19 0.36
CA GLU B 134 5.75 -15.27 1.10
C GLU B 134 6.49 -15.54 2.42
N HIS B 135 7.82 -15.63 2.32
CA HIS B 135 8.65 -16.00 3.45
C HIS B 135 8.69 -14.90 4.49
N LEU B 136 8.67 -13.62 4.08
CA LEU B 136 8.63 -12.50 5.02
C LEU B 136 7.33 -12.46 5.79
N VAL B 137 6.22 -12.64 5.09
CA VAL B 137 4.93 -12.72 5.74
C VAL B 137 4.86 -13.92 6.70
N ALA B 138 5.38 -15.07 6.29
CA ALA B 138 5.45 -16.24 7.17
C ALA B 138 6.26 -15.93 8.43
N TRP B 139 7.40 -15.26 8.26
CA TRP B 139 8.21 -14.81 9.38
C TRP B 139 7.42 -13.92 10.30
N MET B 140 6.74 -12.91 9.76
CA MET B 140 5.93 -12.04 10.61
C MET B 140 4.80 -12.78 11.33
N LYS B 141 4.17 -13.74 10.67
CA LYS B 141 3.18 -14.54 11.36
C LYS B 141 3.78 -15.34 12.53
N ALA B 142 4.99 -15.88 12.35
CA ALA B 142 5.71 -16.53 13.44
C ALA B 142 5.91 -15.55 14.60
N VAL B 143 6.24 -14.30 14.29
CA VAL B 143 6.38 -13.25 15.32
C VAL B 143 5.08 -13.04 16.05
N VAL B 144 3.99 -12.89 15.31
CA VAL B 144 2.70 -12.65 15.95
C VAL B 144 2.20 -13.84 16.77
N TYR B 145 2.23 -15.02 16.17
CA TYR B 145 1.76 -16.21 16.85
C TYR B 145 2.64 -16.48 18.09
N GLY B 146 3.95 -16.20 17.96
CA GLY B 146 4.86 -16.37 19.14
C GLY B 146 4.53 -15.44 20.30
N ALA B 147 4.24 -14.20 19.98
CA ALA B 147 3.80 -13.23 20.99
C ALA B 147 2.56 -13.74 21.73
N ALA B 148 1.69 -14.45 21.02
CA ALA B 148 0.43 -14.97 21.58
C ALA B 148 0.61 -16.37 22.17
N GLU B 149 1.86 -16.84 22.21
CA GLU B 149 2.20 -18.18 22.70
C GLU B 149 1.45 -19.28 21.95
N ARG B 150 1.21 -19.05 20.67
CA ARG B 150 0.57 -20.02 19.82
C ARG B 150 1.66 -20.83 19.13
N TRP B 151 2.32 -21.68 19.91
CA TRP B 151 3.56 -22.28 19.43
C TRP B 151 3.38 -23.24 18.30
N THR B 152 2.28 -23.98 18.28
CA THR B 152 2.05 -24.91 17.16
C THR B 152 1.80 -24.13 15.85
N ASP B 153 1.19 -22.95 15.92
CA ASP B 153 0.99 -22.10 14.74
C ASP B 153 2.34 -21.52 14.25
N VAL B 154 3.21 -21.17 15.20
CA VAL B 154 4.56 -20.75 14.85
C VAL B 154 5.22 -21.84 14.00
N ILE B 155 5.22 -23.07 14.50
CA ILE B 155 5.84 -24.18 13.77
C ILE B 155 5.21 -24.32 12.38
N ASP B 156 3.89 -24.27 12.30
CA ASP B 156 3.23 -24.34 11.02
C ASP B 156 3.72 -23.30 10.00
N GLN B 157 3.99 -22.08 10.46
CA GLN B 157 4.52 -21.02 9.59
C GLN B 157 5.95 -21.26 9.10
N VAL B 158 6.79 -21.85 9.94
CA VAL B 158 8.22 -21.90 9.63
C VAL B 158 8.69 -23.32 9.25
N LYS B 159 7.78 -24.28 9.22
CA LYS B 159 8.17 -25.69 8.99
C LYS B 159 8.92 -25.98 7.69
N SER B 160 8.64 -25.21 6.64
CA SER B 160 9.29 -25.40 5.34
C SER B 160 10.54 -24.52 5.16
N ALA B 161 11.00 -23.88 6.24
CA ALA B 161 12.00 -22.81 6.13
C ALA B 161 13.35 -23.30 5.66
N GLY B 162 13.64 -24.58 5.85
CA GLY B 162 14.89 -25.16 5.38
C GLY B 162 15.10 -24.94 3.89
N LYS B 163 14.01 -24.77 3.15
CA LYS B 163 14.07 -24.58 1.71
C LYS B 163 14.02 -23.12 1.28
N TRP B 164 13.99 -22.17 2.19
CA TRP B 164 13.90 -20.77 1.79
C TRP B 164 15.22 -20.28 1.24
N PRO B 165 15.19 -19.58 0.10
CA PRO B 165 16.47 -19.06 -0.44
C PRO B 165 17.21 -18.06 0.47
N ASP B 166 16.51 -17.09 1.03
CA ASP B 166 17.10 -16.14 2.02
C ASP B 166 17.59 -16.91 3.26
N LYS B 167 18.89 -17.14 3.35
CA LYS B 167 19.45 -18.00 4.39
C LYS B 167 19.48 -17.32 5.76
N PHE B 168 19.50 -15.98 5.80
CA PHE B 168 19.35 -15.26 7.04
C PHE B 168 17.96 -15.52 7.62
N LEU B 169 16.94 -15.32 6.80
CA LEU B 169 15.56 -15.51 7.25
C LEU B 169 15.27 -16.98 7.56
N ALA B 170 15.85 -17.90 6.80
CA ALA B 170 15.71 -19.32 7.10
C ALA B 170 16.28 -19.63 8.45
N GLY B 171 17.43 -19.02 8.76
CA GLY B 171 18.07 -19.16 10.04
C GLY B 171 17.20 -18.66 11.15
N ALA B 172 16.64 -17.46 10.97
CA ALA B 172 15.75 -16.90 11.97
C ALA B 172 14.51 -17.79 12.19
N ALA B 173 13.99 -18.33 11.09
CA ALA B 173 12.86 -19.24 11.14
C ALA B 173 13.17 -20.49 11.95
N GLY B 174 14.41 -21.00 11.81
CA GLY B 174 14.90 -22.11 12.63
C GLY B 174 14.93 -21.77 14.11
N VAL B 175 15.33 -20.54 14.43
CA VAL B 175 15.25 -20.07 15.82
C VAL B 175 13.81 -20.10 16.31
N ALA B 176 12.87 -19.59 15.49
CA ALA B 176 11.44 -19.59 15.92
C ALA B 176 10.94 -21.02 16.13
N HIS B 177 11.39 -21.94 15.26
CA HIS B 177 11.00 -23.34 15.36
C HIS B 177 11.53 -23.94 16.67
N GLY B 178 12.77 -23.64 16.99
CA GLY B 178 13.40 -24.10 18.22
C GLY B 178 12.80 -23.53 19.50
N VAL B 179 12.52 -22.21 19.49
CA VAL B 179 11.85 -21.57 20.58
C VAL B 179 10.43 -22.13 20.82
N ALA B 180 9.67 -22.31 19.75
CA ALA B 180 8.33 -22.96 19.82
C ALA B 180 8.43 -24.37 20.39
N ALA B 181 9.40 -25.15 19.90
CA ALA B 181 9.61 -26.49 20.45
C ALA B 181 9.89 -26.44 21.96
N ALA B 182 10.80 -25.56 22.40
CA ALA B 182 11.13 -25.43 23.83
C ALA B 182 9.90 -25.12 24.66
N ASN B 183 9.06 -24.19 24.16
CA ASN B 183 7.86 -23.79 24.88
C ASN B 183 6.79 -24.86 24.91
N LEU B 184 6.93 -25.86 24.06
CA LEU B 184 6.11 -27.07 24.11
C LEU B 184 6.79 -28.25 24.84
N ALA B 185 7.88 -27.95 25.54
CA ALA B 185 8.70 -28.94 26.29
C ALA B 185 9.30 -30.03 25.40
N LEU B 186 9.46 -29.73 24.11
CA LEU B 186 10.06 -30.66 23.16
C LEU B 186 11.53 -30.29 23.15
N PHE B 187 12.20 -30.61 24.26
CA PHE B 187 13.52 -30.05 24.55
C PHE B 187 14.64 -30.59 23.65
N THR B 188 14.55 -31.86 23.28
CA THR B 188 15.54 -32.43 22.38
C THR B 188 15.50 -31.75 21.02
N GLU B 189 14.28 -31.60 20.48
CA GLU B 189 14.07 -30.90 19.23
C GLU B 189 14.53 -29.44 19.32
N ALA B 190 14.16 -28.77 20.41
CA ALA B 190 14.59 -27.39 20.64
C ALA B 190 16.13 -27.28 20.60
N GLU B 191 16.83 -28.17 21.30
CA GLU B 191 18.28 -28.12 21.32
C GLU B 191 18.88 -28.33 19.95
N ARG B 192 18.36 -29.31 19.19
CA ARG B 192 18.87 -29.53 17.81
C ARG B 192 18.68 -28.27 16.98
N ARG B 193 17.46 -27.74 16.96
CA ARG B 193 17.15 -26.63 16.05
C ARG B 193 17.86 -25.35 16.45
N LEU B 194 17.95 -25.08 17.75
CA LEU B 194 18.63 -23.87 18.21
C LEU B 194 20.15 -23.95 17.97
N THR B 195 20.73 -25.14 18.13
CA THR B 195 22.15 -25.35 17.85
C THR B 195 22.44 -25.16 16.36
N GLU B 196 21.61 -25.72 15.48
CA GLU B 196 21.76 -25.48 14.04
C GLU B 196 21.55 -24.02 13.66
N ALA B 197 20.54 -23.38 14.24
CA ALA B 197 20.28 -21.96 13.98
C ALA B 197 21.46 -21.09 14.43
N ASN B 198 22.16 -21.55 15.44
CA ASN B 198 23.33 -20.81 15.90
C ASN B 198 24.44 -20.74 14.84
N ASP B 199 24.54 -21.75 13.98
CA ASP B 199 25.50 -21.76 12.87
C ASP B 199 25.06 -20.99 11.65
N SER B 200 23.83 -20.50 11.63
CA SER B 200 23.29 -19.80 10.48
C SER B 200 23.69 -18.32 10.55
N PRO B 201 23.38 -17.55 9.48
CA PRO B 201 23.64 -16.09 9.50
C PRO B 201 22.79 -15.30 10.48
N ALA B 202 21.74 -15.93 11.03
CA ALA B 202 20.90 -15.29 12.05
C ALA B 202 21.38 -15.58 13.49
N GLY B 203 22.45 -16.36 13.65
CA GLY B 203 22.96 -16.76 14.98
C GLY B 203 23.27 -15.58 15.88
N GLU B 204 23.88 -14.56 15.32
CA GLU B 204 24.24 -13.37 16.05
C GLU B 204 23.01 -12.55 16.45
N ALA B 205 22.16 -12.25 15.48
CA ALA B 205 20.96 -11.46 15.76
C ALA B 205 20.04 -12.15 16.77
N CYS B 206 20.05 -13.48 16.79
CA CYS B 206 19.16 -14.25 17.68
C CYS B 206 19.91 -14.85 18.87
N ALA B 207 21.09 -14.32 19.17
CA ALA B 207 21.96 -14.89 20.20
C ALA B 207 21.27 -15.03 21.55
N ARG B 208 20.49 -14.02 21.94
CA ARG B 208 19.91 -14.03 23.27
C ARG B 208 18.87 -15.14 23.45
N ALA B 209 17.94 -15.24 22.52
CA ALA B 209 16.91 -16.26 22.55
C ALA B 209 17.54 -17.66 22.41
N ILE B 210 18.55 -17.79 21.57
CA ILE B 210 19.21 -19.07 21.36
C ILE B 210 19.78 -19.55 22.69
N ALA B 211 20.57 -18.70 23.36
CA ALA B 211 21.21 -19.08 24.60
C ALA B 211 20.18 -19.29 25.71
N TRP B 212 19.20 -18.40 25.83
CA TRP B 212 18.19 -18.50 26.86
C TRP B 212 17.44 -19.82 26.79
N TYR B 213 16.95 -20.15 25.61
CA TYR B 213 16.12 -21.32 25.48
C TYR B 213 16.94 -22.61 25.49
N LEU B 214 18.18 -22.57 25.02
CA LEU B 214 19.09 -23.70 25.23
C LEU B 214 19.32 -23.91 26.73
N ALA B 215 19.54 -22.82 27.48
CA ALA B 215 19.77 -22.93 28.94
C ALA B 215 18.58 -23.58 29.63
N MET B 216 17.40 -23.08 29.28
CA MET B 216 16.16 -23.62 29.85
C MET B 216 15.97 -25.08 29.49
N ALA B 217 16.25 -25.44 28.24
CA ALA B 217 16.16 -26.84 27.81
C ALA B 217 17.15 -27.72 28.59
N ARG B 218 18.39 -27.26 28.73
CA ARG B 218 19.39 -28.05 29.49
C ARG B 218 19.01 -28.25 30.94
N ARG B 219 18.54 -27.20 31.58
CA ARG B 219 18.13 -27.28 32.98
C ARG B 219 16.99 -28.29 33.15
N SER B 220 15.98 -28.23 32.28
CA SER B 220 14.84 -29.15 32.43
C SER B 220 15.23 -30.60 32.16
N GLN B 221 16.22 -30.81 31.31
CA GLN B 221 16.75 -32.16 31.12
C GLN B 221 17.62 -32.66 32.26
N GLY B 222 18.03 -31.77 33.16
CA GLY B 222 18.84 -32.14 34.31
C GLY B 222 20.30 -31.75 34.19
N ASN B 223 20.68 -31.23 33.03
CA ASN B 223 22.08 -30.87 32.78
C ASN B 223 22.35 -29.46 33.29
N GLU B 224 22.49 -29.35 34.60
CA GLU B 224 22.59 -28.06 35.27
C GLU B 224 23.88 -27.31 34.94
N SER B 225 24.99 -28.02 34.76
CA SER B 225 26.25 -27.34 34.49
C SER B 225 26.25 -26.71 33.09
N ALA B 226 25.62 -27.37 32.13
CA ALA B 226 25.45 -26.77 30.79
C ALA B 226 24.50 -25.54 30.86
N ALA B 227 23.39 -25.65 31.58
CA ALA B 227 22.47 -24.51 31.73
C ALA B 227 23.18 -23.30 32.35
N VAL B 228 23.95 -23.53 33.39
CA VAL B 228 24.67 -22.46 34.10
C VAL B 228 25.71 -21.81 33.19
N ALA B 229 26.39 -22.59 32.39
CA ALA B 229 27.38 -22.07 31.43
C ALA B 229 26.69 -21.12 30.43
N LEU B 230 25.55 -21.52 29.94
CA LEU B 230 24.83 -20.71 28.97
C LEU B 230 24.29 -19.42 29.60
N LEU B 231 23.79 -19.54 30.84
CA LEU B 231 23.32 -18.38 31.60
C LEU B 231 24.45 -17.42 31.97
N GLU B 232 25.61 -17.96 32.34
CA GLU B 232 26.78 -17.12 32.61
C GLU B 232 27.18 -16.37 31.36
N TRP B 233 27.14 -17.05 30.23
CA TRP B 233 27.45 -16.39 28.98
C TRP B 233 26.50 -15.25 28.74
N LEU B 234 25.20 -15.50 28.95
CA LEU B 234 24.20 -14.46 28.77
C LEU B 234 24.41 -13.30 29.74
N GLN B 235 24.65 -13.58 31.02
CA GLN B 235 24.82 -12.50 32.00
C GLN B 235 26.06 -11.67 31.67
N THR B 236 27.05 -12.31 31.05
CA THR B 236 28.27 -11.61 30.68
C THR B 236 28.05 -10.71 29.47
N THR B 237 27.33 -11.23 28.47
CA THR B 237 27.22 -10.56 27.16
C THR B 237 25.92 -9.78 26.96
N HIS B 238 24.85 -10.20 27.61
CA HIS B 238 23.52 -9.61 27.43
C HIS B 238 22.76 -9.66 28.75
N PRO B 239 23.26 -8.96 29.78
CA PRO B 239 22.72 -9.08 31.14
C PRO B 239 21.27 -8.65 31.26
N GLU B 240 20.53 -9.34 32.11
CA GLU B 240 19.09 -9.17 32.19
C GLU B 240 18.61 -9.68 33.54
N PRO B 241 17.58 -9.05 34.13
CA PRO B 241 17.05 -9.52 35.41
C PRO B 241 16.68 -11.00 35.43
N LYS B 242 16.01 -11.50 34.41
CA LYS B 242 15.59 -12.91 34.44
C LYS B 242 16.79 -13.91 34.27
N VAL B 243 17.89 -13.45 33.70
CA VAL B 243 19.10 -14.30 33.62
C VAL B 243 19.75 -14.38 35.01
N ALA B 244 19.89 -13.21 35.66
CA ALA B 244 20.40 -13.15 37.03
C ALA B 244 19.53 -14.01 37.95
N ALA B 245 18.22 -13.93 37.79
CA ALA B 245 17.28 -14.72 38.56
C ALA B 245 17.47 -16.23 38.34
N ALA B 246 17.58 -16.64 37.08
CA ALA B 246 17.73 -18.05 36.76
C ALA B 246 19.09 -18.62 37.26
N LEU B 247 20.11 -17.77 37.26
CA LEU B 247 21.43 -18.15 37.80
C LEU B 247 21.40 -18.34 39.30
N LYS B 248 20.66 -17.49 39.99
CA LYS B 248 20.58 -17.50 41.44
C LYS B 248 19.74 -18.67 41.97
N ASP B 249 18.84 -19.19 41.13
CA ASP B 249 17.85 -20.15 41.59
C ASP B 249 17.75 -21.33 40.63
N PRO B 250 18.29 -22.49 41.04
CA PRO B 250 18.24 -23.69 40.21
C PRO B 250 16.83 -24.24 39.97
N SER B 251 15.84 -23.82 40.76
CA SER B 251 14.45 -24.23 40.49
C SER B 251 13.77 -23.33 39.49
N TYR B 252 14.45 -22.29 39.03
CA TYR B 252 13.89 -21.45 37.97
C TYR B 252 13.83 -22.24 36.66
N ARG B 253 12.63 -22.56 36.20
CA ARG B 253 12.43 -23.34 34.97
C ARG B 253 11.44 -22.70 34.06
N LEU B 254 11.56 -23.01 32.77
CA LEU B 254 10.59 -22.60 31.76
C LEU B 254 9.23 -23.24 32.00
N LYS B 255 8.18 -22.44 32.02
CA LYS B 255 6.82 -22.96 32.14
C LYS B 255 6.38 -23.27 30.73
N THR B 256 5.99 -24.51 30.47
CA THR B 256 5.69 -24.93 29.11
C THR B 256 4.22 -25.25 28.94
N THR B 257 3.79 -25.33 27.70
CA THR B 257 2.43 -25.71 27.35
C THR B 257 2.46 -26.90 26.36
N THR B 258 1.31 -27.26 25.81
CA THR B 258 1.17 -28.39 24.90
C THR B 258 0.16 -28.00 23.80
N ALA B 259 0.17 -28.75 22.71
CA ALA B 259 -0.83 -28.56 21.64
C ALA B 259 -2.25 -28.62 22.20
N GLU B 260 -2.49 -29.61 23.05
CA GLU B 260 -3.83 -29.79 23.63
C GLU B 260 -4.26 -28.60 24.47
N GLN B 261 -3.33 -28.11 25.28
CA GLN B 261 -3.61 -26.99 26.16
C GLN B 261 -3.89 -25.71 25.36
N ILE B 262 -3.08 -25.45 24.34
CA ILE B 262 -3.38 -24.33 23.41
C ILE B 262 -4.78 -24.47 22.76
N ALA B 263 -5.10 -25.67 22.30
CA ALA B 263 -6.39 -25.94 21.67
C ALA B 263 -7.57 -25.77 22.62
N SER B 264 -7.34 -25.93 23.93
CA SER B 264 -8.40 -25.76 24.91
C SER B 264 -8.62 -24.29 25.33
N ARG B 265 -7.86 -23.35 24.79
CA ARG B 265 -8.09 -21.95 25.10
C ARG B 265 -9.50 -21.52 24.67
N ALA B 266 -10.23 -20.85 25.57
CA ALA B 266 -11.51 -20.25 25.19
C ALA B 266 -11.29 -19.18 24.13
N ASP B 267 -10.16 -18.49 24.18
CA ASP B 267 -9.77 -17.51 23.17
C ASP B 267 -8.34 -17.85 22.75
N PRO B 268 -8.15 -18.32 21.50
CA PRO B 268 -6.84 -18.77 21.01
C PRO B 268 -5.72 -17.73 21.19
N TRP B 269 -6.09 -16.45 21.19
CA TRP B 269 -5.11 -15.36 21.36
C TRP B 269 -4.73 -15.09 22.79
N ASP B 270 -5.40 -15.74 23.74
CA ASP B 270 -5.19 -15.48 25.17
C ASP B 270 -4.69 -16.73 25.90
N PRO B 271 -3.38 -16.79 26.21
CA PRO B 271 -2.83 -17.93 26.91
C PRO B 271 -3.44 -18.15 28.30
N GLY B 272 -3.99 -17.08 28.88
CA GLY B 272 -4.67 -17.16 30.17
C GLY B 272 -6.02 -17.84 30.15
N SER B 273 -6.56 -18.18 28.98
CA SER B 273 -7.95 -18.64 28.87
C SER B 273 -8.12 -20.18 28.77
N VAL B 274 -7.15 -20.94 29.26
CA VAL B 274 -7.09 -22.40 29.02
C VAL B 274 -8.27 -23.18 29.61
#